data_9H77
#
_entry.id   9H77
#
_cell.length_a   52.933
_cell.length_b   73.454
_cell.length_c   99.527
_cell.angle_alpha   90.000
_cell.angle_beta   90.000
_cell.angle_gamma   90.000
#
_symmetry.space_group_name_H-M   'P 21 21 21'
#
loop_
_entity.id
_entity.type
_entity.pdbx_description
1 polymer 'Nb 3A02'
2 polymer 'M-phase phosphoprotein 8'
3 water water
#
loop_
_entity_poly.entity_id
_entity_poly.type
_entity_poly.pdbx_seq_one_letter_code
_entity_poly.pdbx_strand_id
1 'polypeptide(L)'
;GAMAQVQLQENGGGLVKPGGSLRLSCAASGFTLSDYVMTWVRQAPGKGPEWVSRISAGGSTRYVDSVKGRFTISRDNAKN
TMYLQMNSLKPEDTAVYYCARGSTLFSTNWDYRGQGTQVMVS
;
A,B
2 'polypeptide(L)' GAMEDGEDVFEVEKILDMKTEGGKVLYKVRWKGYTSDDDTWEPEIHLEDCKEVLLEFRKKIAENKAKA C,D
#
# COMPACT_ATOMS: atom_id res chain seq x y z
N GLN A 5 22.03 11.65 -2.20
CA GLN A 5 22.87 10.76 -2.98
C GLN A 5 22.64 9.30 -2.61
N VAL A 6 22.69 8.42 -3.61
CA VAL A 6 22.52 7.00 -3.36
C VAL A 6 23.79 6.43 -2.74
N GLN A 7 23.64 5.63 -1.70
CA GLN A 7 24.77 5.02 -1.00
C GLN A 7 24.44 3.59 -0.63
N LEU A 8 25.45 2.72 -0.68
CA LEU A 8 25.35 1.35 -0.24
C LEU A 8 26.62 0.99 0.52
N GLN A 9 26.47 0.44 1.73
CA GLN A 9 27.59 0.09 2.58
C GLN A 9 27.36 -1.30 3.16
N GLU A 10 28.30 -2.21 2.93
CA GLU A 10 28.20 -3.58 3.43
C GLU A 10 29.03 -3.76 4.69
N ASN A 11 28.60 -4.71 5.52
CA ASN A 11 29.30 -5.05 6.74
C ASN A 11 28.87 -6.44 7.17
N GLY A 12 29.59 -6.98 8.15
CA GLY A 12 29.30 -8.28 8.71
C GLY A 12 30.27 -9.38 8.32
N GLY A 13 31.23 -9.11 7.45
CA GLY A 13 32.18 -10.11 7.04
C GLY A 13 33.19 -10.42 8.12
N GLY A 14 34.21 -11.17 7.73
CA GLY A 14 35.32 -11.50 8.59
C GLY A 14 35.80 -12.92 8.35
N LEU A 15 36.68 -13.38 9.24
CA LEU A 15 37.21 -14.74 9.18
C LEU A 15 36.32 -15.66 9.98
N VAL A 16 35.98 -16.81 9.40
CA VAL A 16 35.12 -17.80 10.03
C VAL A 16 35.61 -19.20 9.67
N LYS A 17 35.50 -20.12 10.61
CA LYS A 17 35.92 -21.48 10.37
C LYS A 17 34.89 -22.22 9.53
N PRO A 18 35.31 -23.25 8.79
CA PRO A 18 34.36 -24.03 7.99
C PRO A 18 33.24 -24.60 8.86
N GLY A 19 32.00 -24.37 8.41
CA GLY A 19 30.83 -24.73 9.20
C GLY A 19 30.27 -23.60 10.04
N GLY A 20 30.99 -22.50 10.20
CA GLY A 20 30.50 -21.37 10.95
C GLY A 20 29.46 -20.59 10.18
N SER A 21 29.07 -19.45 10.76
CA SER A 21 28.01 -18.62 10.22
C SER A 21 28.41 -17.16 10.21
N LEU A 22 27.85 -16.42 9.26
CA LEU A 22 28.03 -14.98 9.16
C LEU A 22 26.72 -14.35 8.70
N ARG A 23 26.45 -13.15 9.21
CA ARG A 23 25.24 -12.40 8.83
C ARG A 23 25.70 -11.07 8.24
N LEU A 24 25.59 -10.94 6.92
CA LEU A 24 25.98 -9.72 6.22
C LEU A 24 24.81 -8.76 6.15
N SER A 25 25.13 -7.47 6.17
CA SER A 25 24.12 -6.43 6.05
C SER A 25 24.52 -5.49 4.92
N CYS A 26 23.52 -4.82 4.36
CA CYS A 26 23.72 -3.86 3.28
C CYS A 26 22.83 -2.66 3.58
N ALA A 27 23.41 -1.61 4.16
CA ALA A 27 22.67 -0.43 4.53
C ALA A 27 22.54 0.52 3.34
N ALA A 28 21.32 0.96 3.07
CA ALA A 28 21.03 1.80 1.91
C ALA A 28 20.54 3.17 2.36
N SER A 29 20.84 4.18 1.56
CA SER A 29 20.33 5.53 1.78
C SER A 29 20.23 6.23 0.42
N GLY A 30 19.33 7.20 0.34
CA GLY A 30 19.06 7.87 -0.90
C GLY A 30 18.07 7.18 -1.80
N PHE A 31 17.55 6.03 -1.39
CA PHE A 31 16.53 5.30 -2.14
C PHE A 31 15.91 4.28 -1.19
N THR A 32 14.78 3.72 -1.62
CA THR A 32 14.06 2.72 -0.85
C THR A 32 14.34 1.33 -1.45
N LEU A 33 14.71 0.39 -0.59
CA LEU A 33 15.06 -0.95 -1.07
C LEU A 33 13.88 -1.63 -1.75
N SER A 34 12.69 -1.52 -1.18
CA SER A 34 11.52 -2.19 -1.72
C SER A 34 11.08 -1.65 -3.08
N ASP A 35 11.74 -0.62 -3.60
CA ASP A 35 11.44 -0.11 -4.95
C ASP A 35 12.33 -0.71 -6.02
N TYR A 36 13.29 -1.56 -5.64
CA TYR A 36 14.27 -2.10 -6.59
C TYR A 36 14.41 -3.59 -6.37
N VAL A 37 15.00 -4.25 -7.36
CA VAL A 37 15.41 -5.64 -7.25
C VAL A 37 16.84 -5.64 -6.73
N MET A 38 17.02 -6.11 -5.50
CA MET A 38 18.32 -6.09 -4.85
C MET A 38 19.00 -7.45 -4.98
N THR A 39 20.32 -7.43 -5.17
CA THR A 39 21.11 -8.63 -5.44
C THR A 39 22.35 -8.67 -4.56
N TRP A 40 22.61 -9.83 -3.98
CA TRP A 40 23.91 -10.12 -3.38
C TRP A 40 24.80 -10.77 -4.42
N VAL A 41 25.99 -10.19 -4.61
CA VAL A 41 26.98 -10.68 -5.55
C VAL A 41 28.25 -11.03 -4.76
N ARG A 42 29.01 -11.99 -5.27
CA ARG A 42 30.29 -12.33 -4.66
C ARG A 42 31.31 -12.61 -5.74
N GLN A 43 32.58 -12.34 -5.40
CA GLN A 43 33.69 -12.58 -6.33
C GLN A 43 34.87 -13.13 -5.54
N ALA A 44 35.22 -14.38 -5.79
CA ALA A 44 36.39 -14.97 -5.19
C ALA A 44 37.65 -14.51 -5.91
N PRO A 45 38.78 -14.41 -5.20
CA PRO A 45 40.04 -14.02 -5.86
C PRO A 45 40.40 -14.99 -6.97
N GLY A 46 40.61 -14.45 -8.17
CA GLY A 46 40.93 -15.26 -9.32
C GLY A 46 39.76 -15.81 -10.09
N LYS A 47 38.53 -15.43 -9.74
CA LYS A 47 37.33 -15.86 -10.45
C LYS A 47 36.51 -14.64 -10.83
N GLY A 48 35.43 -14.88 -11.56
CA GLY A 48 34.55 -13.82 -12.01
C GLY A 48 33.39 -13.60 -11.06
N PRO A 49 32.74 -12.44 -11.18
CA PRO A 49 31.58 -12.15 -10.32
C PRO A 49 30.45 -13.14 -10.56
N GLU A 50 29.76 -13.50 -9.48
CA GLU A 50 28.62 -14.40 -9.56
C GLU A 50 27.58 -13.94 -8.56
N TRP A 51 26.31 -13.92 -8.99
CA TRP A 51 25.22 -13.56 -8.10
C TRP A 51 24.92 -14.72 -7.17
N VAL A 52 24.54 -14.39 -5.93
CA VAL A 52 24.25 -15.37 -4.90
C VAL A 52 22.76 -15.47 -4.65
N SER A 53 22.10 -14.34 -4.42
CA SER A 53 20.67 -14.32 -4.16
C SER A 53 20.12 -12.95 -4.53
N ARG A 54 18.83 -12.93 -4.85
CA ARG A 54 18.12 -11.71 -5.18
C ARG A 54 16.78 -11.72 -4.46
N ILE A 55 16.27 -10.52 -4.18
CA ILE A 55 14.94 -10.34 -3.62
C ILE A 55 14.21 -9.29 -4.45
N SER A 56 13.00 -9.62 -4.90
CA SER A 56 12.24 -8.71 -5.73
C SER A 56 11.68 -7.57 -4.89
N ALA A 57 11.17 -6.55 -5.59
CA ALA A 57 10.49 -5.46 -4.91
C ALA A 57 9.29 -5.98 -4.11
N GLY A 58 8.63 -7.02 -4.60
CA GLY A 58 7.51 -7.64 -3.93
C GLY A 58 7.87 -8.62 -2.83
N GLY A 59 9.15 -8.92 -2.66
CA GLY A 59 9.58 -9.82 -1.61
C GLY A 59 9.83 -11.26 -2.04
N SER A 60 9.85 -11.54 -3.34
CA SER A 60 10.15 -12.88 -3.82
C SER A 60 11.66 -13.06 -3.90
N THR A 61 12.14 -14.22 -3.46
CA THR A 61 13.56 -14.47 -3.33
C THR A 61 13.97 -15.68 -4.17
N ARG A 62 15.23 -15.67 -4.61
CA ARG A 62 15.82 -16.78 -5.35
C ARG A 62 17.29 -16.85 -5.02
N TYR A 63 17.82 -18.08 -4.98
CA TYR A 63 19.20 -18.33 -4.58
C TYR A 63 19.90 -19.15 -5.65
N VAL A 64 21.21 -18.91 -5.80
CA VAL A 64 22.00 -19.78 -6.65
C VAL A 64 22.03 -21.18 -6.05
N ASP A 65 22.29 -22.17 -6.90
CA ASP A 65 22.13 -23.56 -6.48
C ASP A 65 23.18 -23.96 -5.44
N SER A 66 24.37 -23.36 -5.47
CA SER A 66 25.44 -23.76 -4.56
C SER A 66 25.20 -23.29 -3.13
N VAL A 67 24.29 -22.35 -2.91
CA VAL A 67 23.97 -21.86 -1.57
C VAL A 67 22.57 -22.22 -1.13
N LYS A 68 21.81 -22.95 -1.95
CA LYS A 68 20.45 -23.31 -1.60
C LYS A 68 20.43 -24.19 -0.36
N GLY A 69 19.62 -23.79 0.62
CA GLY A 69 19.56 -24.48 1.89
C GLY A 69 20.58 -24.02 2.91
N ARG A 70 21.42 -23.04 2.57
CA ARG A 70 22.42 -22.52 3.50
C ARG A 70 22.34 -21.02 3.67
N PHE A 71 22.08 -20.27 2.60
CA PHE A 71 21.98 -18.82 2.67
C PHE A 71 20.51 -18.40 2.71
N THR A 72 20.25 -17.26 3.35
CA THR A 72 18.90 -16.69 3.43
C THR A 72 19.00 -15.18 3.29
N ILE A 73 18.28 -14.63 2.32
CA ILE A 73 18.26 -13.19 2.07
C ILE A 73 17.00 -12.61 2.67
N SER A 74 17.10 -11.40 3.21
CA SER A 74 15.95 -10.70 3.77
C SER A 74 16.25 -9.22 3.80
N ARG A 75 15.19 -8.42 4.01
CA ARG A 75 15.36 -6.99 4.12
C ARG A 75 14.42 -6.44 5.19
N ASP A 76 14.92 -5.51 5.99
CA ASP A 76 14.13 -4.79 6.97
C ASP A 76 13.72 -3.47 6.34
N ASN A 77 12.44 -3.35 5.97
CA ASN A 77 11.97 -2.13 5.33
C ASN A 77 12.04 -0.93 6.27
N ALA A 78 11.86 -1.16 7.57
CA ALA A 78 11.97 -0.05 8.52
C ALA A 78 13.41 0.40 8.70
N LYS A 79 14.37 -0.49 8.43
CA LYS A 79 15.79 -0.14 8.45
C LYS A 79 16.31 0.32 7.10
N ASN A 80 15.61 -0.02 6.02
CA ASN A 80 16.15 0.12 4.66
C ASN A 80 17.49 -0.59 4.55
N THR A 81 17.57 -1.79 5.11
CA THR A 81 18.78 -2.59 5.13
C THR A 81 18.47 -4.01 4.69
N MET A 82 19.35 -4.58 3.88
CA MET A 82 19.22 -5.95 3.38
C MET A 82 20.22 -6.85 4.09
N TYR A 83 19.78 -8.05 4.43
CA TYR A 83 20.58 -9.01 5.18
C TYR A 83 20.80 -10.27 4.36
N LEU A 84 21.96 -10.91 4.58
CA LEU A 84 22.29 -12.19 3.96
C LEU A 84 22.81 -13.10 5.08
N GLN A 85 21.97 -14.03 5.53
CA GLN A 85 22.35 -14.99 6.56
C GLN A 85 23.08 -16.15 5.91
N MET A 86 24.34 -16.36 6.30
CA MET A 86 25.20 -17.39 5.71
C MET A 86 25.48 -18.45 6.77
N ASN A 87 24.91 -19.64 6.60
CA ASN A 87 25.11 -20.74 7.51
C ASN A 87 25.85 -21.88 6.81
N SER A 88 26.48 -22.73 7.62
CA SER A 88 27.22 -23.90 7.15
C SER A 88 28.24 -23.52 6.08
N LEU A 89 29.08 -22.56 6.45
CA LEU A 89 30.00 -21.96 5.47
C LEU A 89 31.11 -22.93 5.09
N LYS A 90 31.47 -22.90 3.80
CA LYS A 90 32.48 -23.76 3.22
C LYS A 90 33.61 -22.91 2.67
N PRO A 91 34.81 -23.48 2.50
CA PRO A 91 35.92 -22.71 1.94
C PRO A 91 35.62 -22.14 0.56
N GLU A 92 34.76 -22.79 -0.22
CA GLU A 92 34.37 -22.25 -1.52
C GLU A 92 33.54 -20.97 -1.40
N ASP A 93 33.06 -20.64 -0.21
CA ASP A 93 32.29 -19.42 0.01
C ASP A 93 33.17 -18.19 0.20
N THR A 94 34.50 -18.36 0.24
CA THR A 94 35.40 -17.23 0.42
C THR A 94 35.31 -16.30 -0.79
N ALA A 95 34.99 -15.04 -0.52
CA ALA A 95 34.83 -14.05 -1.58
C ALA A 95 34.57 -12.69 -0.94
N VAL A 96 34.56 -11.66 -1.77
CA VAL A 96 34.05 -10.35 -1.38
C VAL A 96 32.58 -10.27 -1.78
N TYR A 97 31.73 -9.95 -0.82
CA TYR A 97 30.29 -9.90 -1.01
C TYR A 97 29.85 -8.43 -1.07
N TYR A 98 29.07 -8.09 -2.09
CA TYR A 98 28.58 -6.73 -2.26
C TYR A 98 27.14 -6.77 -2.78
N CYS A 99 26.36 -5.79 -2.35
CA CYS A 99 24.97 -5.66 -2.79
C CYS A 99 24.87 -4.71 -3.97
N ALA A 100 23.85 -4.94 -4.80
CA ALA A 100 23.69 -4.19 -6.04
C ALA A 100 22.22 -3.84 -6.23
N ARG A 101 21.98 -2.64 -6.74
CA ARG A 101 20.63 -2.11 -6.93
C ARG A 101 20.22 -2.26 -8.39
N GLY A 102 19.31 -3.18 -8.67
CA GLY A 102 18.82 -3.42 -10.01
C GLY A 102 17.38 -2.97 -10.19
N SER A 103 16.96 -2.95 -11.46
CA SER A 103 15.60 -2.58 -11.83
C SER A 103 14.98 -3.56 -12.82
N THR A 104 15.56 -4.75 -12.96
CA THR A 104 15.06 -5.77 -13.86
C THR A 104 15.01 -7.10 -13.13
N LEU A 105 13.87 -7.79 -13.25
CA LEU A 105 13.72 -9.09 -12.60
C LEU A 105 14.39 -10.21 -13.36
N PHE A 106 14.72 -10.00 -14.64
CA PHE A 106 15.25 -11.06 -15.49
C PHE A 106 16.74 -10.88 -15.80
N SER A 107 17.32 -9.76 -15.43
CA SER A 107 18.76 -9.56 -15.50
C SER A 107 19.26 -9.10 -14.13
N THR A 108 20.51 -9.42 -13.84
CA THR A 108 21.15 -8.95 -12.62
C THR A 108 21.88 -7.63 -12.81
N ASN A 109 21.67 -6.96 -13.93
CA ASN A 109 22.35 -5.69 -14.18
C ASN A 109 21.89 -4.64 -13.17
N TRP A 110 22.84 -3.83 -12.71
CA TRP A 110 22.59 -2.82 -11.69
C TRP A 110 23.15 -1.48 -12.15
N ASP A 111 22.77 -0.44 -11.42
CA ASP A 111 23.35 0.89 -11.58
C ASP A 111 24.27 1.27 -10.43
N TYR A 112 23.87 0.99 -9.20
CA TYR A 112 24.68 1.25 -8.02
C TYR A 112 24.99 -0.05 -7.30
N ARG A 113 26.22 -0.17 -6.82
CA ARG A 113 26.65 -1.30 -6.03
C ARG A 113 27.46 -0.77 -4.84
N GLY A 114 27.48 -1.54 -3.77
CA GLY A 114 28.34 -1.23 -2.65
C GLY A 114 29.79 -1.59 -2.93
N GLN A 115 30.66 -1.20 -2.01
CA GLN A 115 32.08 -1.50 -2.15
C GLN A 115 32.44 -2.90 -1.69
N GLY A 116 31.57 -3.56 -0.92
CA GLY A 116 31.73 -4.95 -0.61
C GLY A 116 32.30 -5.18 0.79
N THR A 117 32.15 -6.42 1.26
CA THR A 117 32.73 -6.85 2.52
C THR A 117 33.35 -8.23 2.33
N GLN A 118 34.48 -8.47 3.01
CA GLN A 118 35.26 -9.68 2.80
C GLN A 118 34.75 -10.83 3.64
N VAL A 119 34.67 -12.01 3.03
CA VAL A 119 34.34 -13.24 3.74
C VAL A 119 35.46 -14.24 3.48
N MET A 120 36.15 -14.64 4.54
CA MET A 120 37.27 -15.58 4.47
C MET A 120 36.93 -16.78 5.33
N VAL A 121 36.72 -17.93 4.69
CA VAL A 121 36.37 -19.16 5.39
C VAL A 121 37.64 -19.98 5.53
N SER A 122 38.22 -19.96 6.73
CA SER A 122 39.43 -20.71 7.04
C SER A 122 39.67 -20.75 8.54
N GLN B 5 -1.75 25.02 -0.68
CA GLN B 5 -2.81 25.23 0.30
C GLN B 5 -3.95 24.23 0.11
N VAL B 6 -4.70 24.00 1.18
CA VAL B 6 -5.83 23.08 1.13
C VAL B 6 -7.02 23.78 0.47
N GLN B 7 -7.68 23.08 -0.45
CA GLN B 7 -8.82 23.64 -1.15
C GLN B 7 -9.90 22.57 -1.32
N LEU B 8 -11.15 23.02 -1.31
CA LEU B 8 -12.31 22.17 -1.51
C LEU B 8 -13.33 22.95 -2.34
N GLN B 9 -13.79 22.36 -3.44
CA GLN B 9 -14.73 23.03 -4.33
C GLN B 9 -15.82 22.05 -4.75
N GLU B 10 -17.07 22.41 -4.49
CA GLU B 10 -18.21 21.58 -4.84
C GLU B 10 -18.83 22.04 -6.16
N ASN B 11 -19.42 21.10 -6.87
CA ASN B 11 -20.18 21.38 -8.08
C ASN B 11 -21.18 20.25 -8.28
N GLY B 12 -22.11 20.46 -9.21
CA GLY B 12 -23.10 19.47 -9.56
C GLY B 12 -24.50 19.77 -9.05
N GLY B 13 -24.70 20.84 -8.29
CA GLY B 13 -26.01 21.19 -7.81
C GLY B 13 -26.84 21.91 -8.85
N GLY B 14 -28.08 22.17 -8.49
CA GLY B 14 -28.99 22.88 -9.37
C GLY B 14 -30.43 22.52 -9.05
N LEU B 15 -31.32 22.89 -9.96
CA LEU B 15 -32.74 22.63 -9.84
C LEU B 15 -33.06 21.27 -10.45
N VAL B 16 -33.93 20.50 -9.78
CA VAL B 16 -34.29 19.17 -10.22
C VAL B 16 -35.70 18.87 -9.74
N LYS B 17 -36.44 18.12 -10.55
CA LYS B 17 -37.80 17.75 -10.17
C LYS B 17 -37.78 16.61 -9.15
N PRO B 18 -38.78 16.54 -8.28
CA PRO B 18 -38.92 15.38 -7.40
C PRO B 18 -38.86 14.07 -8.18
N GLY B 19 -38.17 13.09 -7.60
CA GLY B 19 -37.86 11.86 -8.29
C GLY B 19 -36.64 11.92 -9.18
N GLY B 20 -36.11 13.11 -9.45
CA GLY B 20 -34.95 13.27 -10.29
C GLY B 20 -33.68 12.82 -9.58
N SER B 21 -32.56 13.03 -10.27
CA SER B 21 -31.25 12.63 -9.78
C SER B 21 -30.26 13.77 -9.97
N LEU B 22 -29.22 13.76 -9.12
CA LEU B 22 -28.12 14.70 -9.22
C LEU B 22 -26.84 13.99 -8.81
N ARG B 23 -25.71 14.49 -9.32
CA ARG B 23 -24.40 13.93 -9.00
C ARG B 23 -23.49 15.08 -8.56
N LEU B 24 -23.17 15.12 -7.28
CA LEU B 24 -22.31 16.16 -6.74
C LEU B 24 -20.86 15.68 -6.71
N SER B 25 -19.94 16.62 -6.88
CA SER B 25 -18.51 16.34 -6.85
C SER B 25 -17.83 17.30 -5.90
N CYS B 26 -16.77 16.83 -5.26
CA CYS B 26 -15.99 17.61 -4.31
C CYS B 26 -14.53 17.49 -4.74
N ALA B 27 -14.06 18.48 -5.49
CA ALA B 27 -12.67 18.50 -5.95
C ALA B 27 -11.77 19.00 -4.83
N ALA B 28 -10.72 18.23 -4.53
CA ALA B 28 -9.81 18.53 -3.44
C ALA B 28 -8.39 18.68 -3.97
N SER B 29 -7.65 19.62 -3.39
CA SER B 29 -6.24 19.79 -3.71
C SER B 29 -5.49 20.20 -2.45
N GLY B 30 -4.20 19.95 -2.44
CA GLY B 30 -3.37 20.19 -1.28
C GLY B 30 -3.35 19.07 -0.28
N PHE B 31 -4.12 18.01 -0.51
CA PHE B 31 -4.13 16.84 0.36
C PHE B 31 -4.77 15.69 -0.40
N THR B 32 -4.54 14.47 0.09
CA THR B 32 -5.13 13.27 -0.48
C THR B 32 -6.41 12.92 0.28
N LEU B 33 -7.48 12.65 -0.47
CA LEU B 33 -8.76 12.36 0.17
C LEU B 33 -8.71 11.06 0.98
N SER B 34 -7.98 10.06 0.48
CA SER B 34 -7.93 8.78 1.18
C SER B 34 -7.14 8.83 2.48
N ASP B 35 -6.61 9.98 2.87
CA ASP B 35 -5.93 10.12 4.15
C ASP B 35 -6.83 10.66 5.25
N TYR B 36 -8.06 11.07 4.92
CA TYR B 36 -8.96 11.68 5.87
C TYR B 36 -10.31 10.99 5.84
N VAL B 37 -11.12 11.26 6.85
CA VAL B 37 -12.51 10.80 6.91
C VAL B 37 -13.36 11.93 6.32
N MET B 38 -13.74 11.79 5.05
CA MET B 38 -14.45 12.85 4.35
C MET B 38 -15.95 12.74 4.58
N THR B 39 -16.60 13.90 4.70
CA THR B 39 -18.02 13.97 5.03
C THR B 39 -18.75 14.88 4.04
N TRP B 40 -19.96 14.46 3.65
CA TRP B 40 -20.90 15.33 2.97
C TRP B 40 -21.85 15.92 4.00
N VAL B 41 -21.99 17.24 4.00
CA VAL B 41 -22.87 17.96 4.92
C VAL B 41 -23.85 18.78 4.12
N ARG B 42 -25.06 18.93 4.64
CA ARG B 42 -26.09 19.75 4.00
C ARG B 42 -26.78 20.61 5.05
N GLN B 43 -27.23 21.79 4.62
CA GLN B 43 -28.00 22.69 5.48
C GLN B 43 -29.11 23.32 4.67
N ALA B 44 -30.35 23.03 5.03
CA ALA B 44 -31.50 23.65 4.40
C ALA B 44 -31.76 25.02 5.02
N PRO B 45 -32.37 25.93 4.26
CA PRO B 45 -32.71 27.24 4.83
C PRO B 45 -33.63 27.10 6.03
N GLY B 46 -33.29 27.81 7.10
CA GLY B 46 -34.07 27.75 8.32
C GLY B 46 -33.83 26.53 9.18
N LYS B 47 -32.87 25.68 8.84
CA LYS B 47 -32.54 24.52 9.63
C LYS B 47 -31.06 24.55 10.00
N GLY B 48 -30.66 23.64 10.87
CA GLY B 48 -29.28 23.49 11.25
C GLY B 48 -28.59 22.48 10.36
N PRO B 49 -27.25 22.49 10.37
CA PRO B 49 -26.50 21.57 9.50
C PRO B 49 -26.70 20.12 9.94
N GLU B 50 -26.62 19.23 8.95
CA GLU B 50 -26.72 17.80 9.18
C GLU B 50 -25.77 17.08 8.25
N TRP B 51 -25.05 16.09 8.78
CA TRP B 51 -24.20 15.26 7.94
C TRP B 51 -25.06 14.30 7.14
N VAL B 52 -24.64 14.01 5.91
CA VAL B 52 -25.40 13.16 5.00
C VAL B 52 -24.73 11.80 4.82
N SER B 53 -23.42 11.79 4.62
CA SER B 53 -22.69 10.56 4.41
C SER B 53 -21.20 10.81 4.64
N ARG B 54 -20.50 9.76 5.02
CA ARG B 54 -19.06 9.81 5.24
C ARG B 54 -18.42 8.59 4.60
N ILE B 55 -17.15 8.73 4.24
CA ILE B 55 -16.37 7.62 3.72
C ILE B 55 -15.03 7.60 4.45
N SER B 56 -14.73 6.48 5.12
CA SER B 56 -13.50 6.38 5.86
C SER B 56 -12.31 6.30 4.91
N ALA B 57 -11.11 6.40 5.48
CA ALA B 57 -9.90 6.25 4.68
C ALA B 57 -9.83 4.87 4.02
N GLY B 58 -10.37 3.86 4.69
CA GLY B 58 -10.39 2.51 4.16
C GLY B 58 -11.53 2.19 3.22
N GLY B 59 -12.43 3.15 2.98
CA GLY B 59 -13.53 2.94 2.07
C GLY B 59 -14.83 2.49 2.70
N SER B 60 -14.95 2.55 4.02
CA SER B 60 -16.21 2.22 4.67
C SER B 60 -17.14 3.43 4.63
N THR B 61 -18.41 3.19 4.32
CA THR B 61 -19.37 4.26 4.08
C THR B 61 -20.51 4.20 5.07
N ARG B 62 -20.97 5.38 5.48
CA ARG B 62 -22.13 5.52 6.36
C ARG B 62 -23.07 6.55 5.76
N TYR B 63 -24.37 6.39 6.04
CA TYR B 63 -25.39 7.27 5.48
C TYR B 63 -26.39 7.62 6.56
N VAL B 64 -26.79 8.89 6.59
CA VAL B 64 -27.86 9.29 7.50
C VAL B 64 -29.13 8.57 7.09
N ASP B 65 -30.04 8.40 8.06
CA ASP B 65 -31.18 7.52 7.85
C ASP B 65 -32.15 8.06 6.81
N SER B 66 -32.21 9.38 6.62
CA SER B 66 -33.16 9.96 5.70
C SER B 66 -32.73 9.85 4.23
N VAL B 67 -31.51 9.41 3.96
CA VAL B 67 -31.02 9.27 2.59
C VAL B 67 -30.64 7.84 2.27
N LYS B 68 -30.92 6.89 3.16
CA LYS B 68 -30.54 5.50 2.94
C LYS B 68 -31.24 4.94 1.71
N GLY B 69 -30.48 4.17 0.92
CA GLY B 69 -30.99 3.57 -0.30
C GLY B 69 -31.14 4.52 -1.46
N ARG B 70 -30.97 5.82 -1.26
CA ARG B 70 -31.09 6.81 -2.32
C ARG B 70 -29.79 7.51 -2.65
N PHE B 71 -28.97 7.80 -1.65
CA PHE B 71 -27.69 8.46 -1.86
C PHE B 71 -26.57 7.43 -1.83
N THR B 72 -25.51 7.70 -2.58
CA THR B 72 -24.33 6.84 -2.63
C THR B 72 -23.09 7.71 -2.70
N ILE B 73 -22.19 7.56 -1.74
CA ILE B 73 -20.95 8.32 -1.70
C ILE B 73 -19.84 7.45 -2.30
N SER B 74 -18.86 8.13 -2.91
CA SER B 74 -17.71 7.45 -3.49
C SER B 74 -16.63 8.48 -3.73
N ARG B 75 -15.40 8.00 -3.91
CA ARG B 75 -14.28 8.87 -4.21
C ARG B 75 -13.42 8.25 -5.30
N ASP B 76 -12.91 9.10 -6.19
CA ASP B 76 -11.99 8.69 -7.24
C ASP B 76 -10.59 9.09 -6.79
N ASN B 77 -9.79 8.11 -6.38
CA ASN B 77 -8.47 8.41 -5.85
C ASN B 77 -7.54 9.00 -6.91
N ALA B 78 -7.73 8.62 -8.18
CA ALA B 78 -6.92 9.19 -9.25
C ALA B 78 -7.33 10.62 -9.57
N LYS B 79 -8.58 10.99 -9.28
CA LYS B 79 -9.05 12.36 -9.43
C LYS B 79 -8.84 13.21 -8.19
N ASN B 80 -8.60 12.59 -7.04
CA ASN B 80 -8.68 13.25 -5.74
C ASN B 80 -10.03 13.95 -5.58
N THR B 81 -11.07 13.30 -6.07
CA THR B 81 -12.42 13.86 -6.07
C THR B 81 -13.38 12.90 -5.40
N MET B 82 -14.26 13.45 -4.57
CA MET B 82 -15.31 12.69 -3.91
C MET B 82 -16.65 13.03 -4.54
N TYR B 83 -17.49 12.01 -4.71
CA TYR B 83 -18.78 12.16 -5.37
C TYR B 83 -19.91 11.83 -4.42
N LEU B 84 -21.09 12.37 -4.74
CA LEU B 84 -22.31 12.05 -4.02
C LEU B 84 -23.41 11.89 -5.06
N GLN B 85 -23.85 10.65 -5.29
CA GLN B 85 -24.92 10.35 -6.22
C GLN B 85 -26.25 10.43 -5.49
N MET B 86 -27.11 11.36 -5.90
CA MET B 86 -28.40 11.56 -5.26
C MET B 86 -29.50 11.12 -6.22
N ASN B 87 -30.18 10.03 -5.88
CA ASN B 87 -31.27 9.50 -6.67
C ASN B 87 -32.59 9.62 -5.93
N SER B 88 -33.67 9.65 -6.69
CA SER B 88 -35.03 9.70 -6.15
C SER B 88 -35.18 10.85 -5.16
N LEU B 89 -34.83 12.05 -5.63
CA LEU B 89 -34.76 13.22 -4.76
C LEU B 89 -36.16 13.66 -4.32
N LYS B 90 -36.23 14.17 -3.09
CA LYS B 90 -37.44 14.66 -2.46
C LYS B 90 -37.30 16.15 -2.17
N PRO B 91 -38.42 16.87 -2.07
CA PRO B 91 -38.34 18.29 -1.70
C PRO B 91 -37.56 18.54 -0.41
N GLU B 92 -37.60 17.61 0.54
CA GLU B 92 -36.85 17.76 1.79
C GLU B 92 -35.34 17.66 1.59
N ASP B 93 -34.87 17.36 0.38
CA ASP B 93 -33.44 17.32 0.08
C ASP B 93 -32.90 18.67 -0.35
N THR B 94 -33.74 19.70 -0.43
CA THR B 94 -33.28 21.03 -0.79
C THR B 94 -32.35 21.57 0.29
N ALA B 95 -31.12 21.90 -0.09
CA ALA B 95 -30.11 22.39 0.84
C ALA B 95 -28.87 22.77 0.05
N VAL B 96 -27.97 23.48 0.72
CA VAL B 96 -26.61 23.64 0.23
C VAL B 96 -25.79 22.47 0.73
N TYR B 97 -25.10 21.78 -0.19
CA TYR B 97 -24.31 20.60 0.13
C TYR B 97 -22.84 20.96 0.06
N TYR B 98 -22.09 20.61 1.10
CA TYR B 98 -20.67 20.91 1.16
C TYR B 98 -19.92 19.74 1.78
N CYS B 99 -18.71 19.51 1.29
CA CYS B 99 -17.84 18.46 1.79
C CYS B 99 -16.88 19.01 2.85
N ALA B 100 -16.48 18.13 3.77
CA ALA B 100 -15.66 18.53 4.90
C ALA B 100 -14.60 17.48 5.16
N ARG B 101 -13.40 17.95 5.55
CA ARG B 101 -12.25 17.09 5.75
C ARG B 101 -12.14 16.77 7.24
N GLY B 102 -12.44 15.53 7.60
CA GLY B 102 -12.37 15.11 8.99
C GLY B 102 -11.21 14.18 9.28
N SER B 103 -10.83 14.07 10.56
CA SER B 103 -9.74 13.19 10.98
C SER B 103 -10.16 12.27 12.11
N THR B 104 -11.47 12.15 12.36
CA THR B 104 -12.01 11.30 13.41
C THR B 104 -13.13 10.46 12.84
N LEU B 105 -13.10 9.15 13.11
CA LEU B 105 -14.16 8.27 12.66
C LEU B 105 -15.42 8.38 13.51
N PHE B 106 -15.29 8.81 14.76
CA PHE B 106 -16.41 8.84 15.69
C PHE B 106 -17.02 10.22 15.85
N SER B 107 -16.49 11.22 15.16
CA SER B 107 -17.06 12.56 15.16
C SER B 107 -17.00 13.13 13.75
N THR B 108 -18.01 13.92 13.40
CA THR B 108 -18.05 14.57 12.10
C THR B 108 -17.26 15.87 12.08
N ASN B 109 -16.54 16.19 13.16
CA ASN B 109 -15.79 17.44 13.22
C ASN B 109 -14.78 17.52 12.08
N TRP B 110 -14.59 18.71 11.55
CA TRP B 110 -13.66 18.95 10.46
C TRP B 110 -12.83 20.19 10.76
N ASP B 111 -11.76 20.35 10.00
CA ASP B 111 -10.96 21.58 10.03
C ASP B 111 -11.15 22.43 8.79
N TYR B 112 -11.28 21.79 7.62
CA TYR B 112 -11.52 22.50 6.36
C TYR B 112 -12.78 21.96 5.71
N ARG B 113 -13.55 22.86 5.10
CA ARG B 113 -14.75 22.50 4.36
C ARG B 113 -14.80 23.32 3.09
N GLY B 114 -15.67 22.90 2.18
CA GLY B 114 -15.92 23.68 0.99
C GLY B 114 -17.01 24.72 1.21
N GLN B 115 -17.14 25.62 0.24
CA GLN B 115 -18.15 26.67 0.32
C GLN B 115 -19.54 26.15 -0.03
N GLY B 116 -19.64 24.99 -0.67
CA GLY B 116 -20.91 24.34 -0.88
C GLY B 116 -21.48 24.57 -2.27
N THR B 117 -22.52 23.79 -2.59
CA THR B 117 -23.24 23.90 -3.84
C THR B 117 -24.72 23.76 -3.57
N GLN B 118 -25.54 24.53 -4.29
CA GLN B 118 -26.96 24.61 -4.02
C GLN B 118 -27.73 23.47 -4.67
N VAL B 119 -28.68 22.91 -3.94
CA VAL B 119 -29.57 21.86 -4.44
C VAL B 119 -31.00 22.28 -4.12
N MET B 120 -31.84 22.37 -5.16
CA MET B 120 -33.25 22.73 -5.01
C MET B 120 -34.08 21.70 -5.73
N VAL B 121 -34.98 21.03 -5.01
CA VAL B 121 -35.85 20.01 -5.56
C VAL B 121 -37.24 20.60 -5.67
N SER B 122 -37.61 21.03 -6.87
CA SER B 122 -38.92 21.60 -7.15
C SER B 122 -39.13 21.75 -8.65
N ASP C 8 17.69 -21.01 -9.48
CA ASP C 8 16.37 -20.58 -9.93
C ASP C 8 16.43 -19.17 -10.50
N VAL C 9 15.41 -18.80 -11.28
CA VAL C 9 15.30 -17.48 -11.88
C VAL C 9 13.90 -16.93 -11.61
N PHE C 10 13.72 -15.65 -11.91
CA PHE C 10 12.41 -15.01 -11.83
C PHE C 10 11.69 -15.26 -13.15
N GLU C 11 10.88 -16.32 -13.19
CA GLU C 11 10.13 -16.70 -14.37
C GLU C 11 8.65 -16.49 -14.10
N VAL C 12 8.01 -15.64 -14.90
CA VAL C 12 6.59 -15.36 -14.76
C VAL C 12 5.80 -16.50 -15.39
N GLU C 13 4.95 -17.15 -14.60
CA GLU C 13 4.07 -18.18 -15.14
C GLU C 13 2.71 -17.63 -15.55
N LYS C 14 2.21 -16.61 -14.84
CA LYS C 14 0.92 -16.03 -15.15
C LYS C 14 0.77 -14.70 -14.42
N ILE C 15 0.27 -13.70 -15.12
CA ILE C 15 -0.13 -12.44 -14.49
C ILE C 15 -1.51 -12.65 -13.88
N LEU C 16 -1.63 -12.37 -12.58
CA LEU C 16 -2.86 -12.66 -11.85
C LEU C 16 -3.80 -11.45 -11.79
N ASP C 17 -3.26 -10.29 -11.43
CA ASP C 17 -4.08 -9.10 -11.21
C ASP C 17 -3.24 -7.86 -11.50
N MET C 18 -3.85 -6.70 -11.32
CA MET C 18 -3.19 -5.44 -11.60
C MET C 18 -3.85 -4.34 -10.79
N LYS C 19 -3.03 -3.44 -10.23
CA LYS C 19 -3.54 -2.27 -9.54
C LYS C 19 -2.66 -1.07 -9.89
N THR C 20 -3.28 0.10 -9.99
CA THR C 20 -2.59 1.37 -10.26
C THR C 20 -3.03 2.36 -9.18
N GLU C 21 -2.40 2.27 -8.01
CA GLU C 21 -2.74 3.11 -6.88
C GLU C 21 -1.49 3.44 -6.09
N GLY C 22 -1.55 4.54 -5.34
CA GLY C 22 -0.44 4.94 -4.50
C GLY C 22 0.78 5.38 -5.26
N GLY C 23 0.60 5.95 -6.45
CA GLY C 23 1.74 6.34 -7.25
C GLY C 23 2.58 5.19 -7.75
N LYS C 24 1.97 4.04 -7.97
CA LYS C 24 2.68 2.87 -8.46
C LYS C 24 1.76 2.04 -9.34
N VAL C 25 2.35 1.38 -10.34
CA VAL C 25 1.67 0.41 -11.17
C VAL C 25 2.22 -0.96 -10.80
N LEU C 26 1.36 -1.82 -10.24
CA LEU C 26 1.78 -3.11 -9.72
C LEU C 26 1.04 -4.23 -10.43
N TYR C 27 1.73 -5.35 -10.63
CA TYR C 27 1.15 -6.57 -11.18
C TYR C 27 1.34 -7.70 -10.18
N LYS C 28 0.26 -8.43 -9.91
CA LYS C 28 0.34 -9.66 -9.11
C LYS C 28 0.71 -10.80 -10.04
N VAL C 29 1.81 -11.49 -9.74
CA VAL C 29 2.38 -12.47 -10.66
C VAL C 29 2.41 -13.84 -10.00
N ARG C 30 2.27 -14.86 -10.84
CA ARG C 30 2.43 -16.25 -10.45
C ARG C 30 3.77 -16.74 -10.97
N TRP C 31 4.63 -17.20 -10.07
CA TRP C 31 5.99 -17.59 -10.44
C TRP C 31 6.03 -19.04 -10.89
N LYS C 32 6.76 -19.28 -11.99
CA LYS C 32 6.97 -20.64 -12.46
C LYS C 32 7.79 -21.42 -11.44
N GLY C 33 7.34 -22.64 -11.15
CA GLY C 33 7.99 -23.46 -10.15
C GLY C 33 7.58 -23.18 -8.72
N TYR C 34 6.69 -22.23 -8.49
CA TYR C 34 6.22 -21.86 -7.16
C TYR C 34 4.71 -21.97 -7.10
N THR C 35 4.17 -21.87 -5.89
CA THR C 35 2.75 -22.02 -5.65
C THR C 35 2.11 -20.65 -5.40
N SER C 36 0.79 -20.67 -5.20
CA SER C 36 0.06 -19.44 -4.95
C SER C 36 0.45 -18.78 -3.63
N ASP C 37 1.04 -19.54 -2.71
CA ASP C 37 1.55 -18.97 -1.47
C ASP C 37 2.75 -18.05 -1.70
N ASP C 38 3.30 -18.03 -2.92
CA ASP C 38 4.48 -17.23 -3.23
C ASP C 38 4.15 -16.04 -4.13
N ASP C 39 2.87 -15.80 -4.42
CA ASP C 39 2.48 -14.69 -5.28
C ASP C 39 2.90 -13.35 -4.67
N THR C 40 3.45 -12.48 -5.50
CA THR C 40 3.90 -11.16 -5.06
C THR C 40 3.43 -10.12 -6.07
N TRP C 41 3.42 -8.87 -5.61
CA TRP C 41 3.12 -7.72 -6.47
C TRP C 41 4.41 -7.05 -6.86
N GLU C 42 4.59 -6.81 -8.16
CA GLU C 42 5.84 -6.30 -8.69
C GLU C 42 5.58 -5.07 -9.55
N PRO C 43 6.50 -4.10 -9.53
CA PRO C 43 6.32 -2.89 -10.34
C PRO C 43 6.43 -3.18 -11.83
N GLU C 44 5.73 -2.38 -12.62
CA GLU C 44 5.77 -2.52 -14.07
C GLU C 44 7.18 -2.29 -14.62
N ILE C 45 7.95 -1.39 -13.99
CA ILE C 45 9.31 -1.12 -14.44
C ILE C 45 10.15 -2.38 -14.44
N HIS C 46 9.95 -3.25 -13.44
CA HIS C 46 10.73 -4.45 -13.29
C HIS C 46 10.29 -5.58 -14.21
N LEU C 47 9.16 -5.42 -14.90
CA LEU C 47 8.63 -6.44 -15.81
C LEU C 47 8.64 -5.97 -17.26
N GLU C 48 9.49 -5.00 -17.59
CA GLU C 48 9.50 -4.41 -18.93
C GLU C 48 9.98 -5.37 -20.00
N ASP C 49 10.52 -6.54 -19.63
CA ASP C 49 10.92 -7.54 -20.61
C ASP C 49 9.75 -8.43 -21.04
N CYS C 50 8.57 -8.26 -20.45
CA CYS C 50 7.37 -8.93 -20.91
C CYS C 50 6.33 -7.89 -21.28
N LYS C 51 6.74 -6.90 -22.07
CA LYS C 51 5.91 -5.72 -22.33
C LYS C 51 4.62 -6.09 -23.04
N GLU C 52 4.66 -7.06 -23.95
CA GLU C 52 3.45 -7.40 -24.70
C GLU C 52 2.49 -8.23 -23.85
N VAL C 53 3.01 -9.04 -22.93
CA VAL C 53 2.13 -9.73 -21.98
C VAL C 53 1.43 -8.72 -21.08
N LEU C 54 2.17 -7.71 -20.61
CA LEU C 54 1.56 -6.69 -19.75
C LEU C 54 0.53 -5.87 -20.52
N LEU C 55 0.82 -5.53 -21.78
CA LEU C 55 -0.12 -4.76 -22.57
C LEU C 55 -1.43 -5.50 -22.78
N GLU C 56 -1.35 -6.81 -23.03
CA GLU C 56 -2.56 -7.61 -23.21
C GLU C 56 -3.38 -7.64 -21.94
N PHE C 57 -2.71 -7.78 -20.79
CA PHE C 57 -3.42 -7.82 -19.52
C PHE C 57 -4.03 -6.46 -19.19
N ARG C 58 -3.35 -5.37 -19.58
CA ARG C 58 -3.88 -4.04 -19.33
C ARG C 58 -5.19 -3.82 -20.09
N LYS C 59 -5.22 -4.21 -21.38
CA LYS C 59 -6.42 -4.04 -22.18
C LYS C 59 -7.55 -4.94 -21.69
N LYS C 60 -7.22 -6.18 -21.34
CA LYS C 60 -8.26 -7.12 -20.92
C LYS C 60 -8.89 -6.71 -19.60
N ILE C 61 -8.07 -6.32 -18.62
CA ILE C 61 -8.60 -5.89 -17.34
C ILE C 61 -9.31 -4.55 -17.45
N ALA C 62 -9.03 -3.78 -18.51
CA ALA C 62 -9.76 -2.55 -18.73
C ALA C 62 -11.15 -2.83 -19.30
N GLU C 63 -11.23 -3.81 -20.21
CA GLU C 63 -12.53 -4.18 -20.76
C GLU C 63 -13.38 -4.93 -19.75
N ASN C 64 -12.78 -5.78 -18.92
CA ASN C 64 -13.53 -6.48 -17.89
C ASN C 64 -14.05 -5.52 -16.83
N LYS C 65 -13.29 -4.46 -16.53
CA LYS C 65 -13.78 -3.48 -15.56
C LYS C 65 -14.89 -2.63 -16.16
N ALA C 66 -14.93 -2.51 -17.48
CA ALA C 66 -15.96 -1.75 -18.16
C ALA C 66 -17.08 -2.66 -18.65
N ASP D 8 -26.55 5.13 10.40
CA ASP D 8 -25.53 4.32 11.07
C ASP D 8 -24.33 5.19 11.47
N VAL D 9 -23.40 4.59 12.21
CA VAL D 9 -22.19 5.27 12.67
C VAL D 9 -21.00 4.34 12.50
N PHE D 10 -19.80 4.89 12.69
CA PHE D 10 -18.57 4.12 12.68
C PHE D 10 -18.34 3.57 14.08
N GLU D 11 -18.71 2.30 14.30
CA GLU D 11 -18.55 1.64 15.59
C GLU D 11 -17.71 0.40 15.37
N VAL D 12 -16.60 0.31 16.11
CA VAL D 12 -15.68 -0.83 15.98
C VAL D 12 -16.18 -1.96 16.87
N GLU D 13 -16.34 -3.14 16.29
CA GLU D 13 -16.70 -4.33 17.05
C GLU D 13 -15.47 -5.09 17.52
N LYS D 14 -14.44 -5.18 16.68
CA LYS D 14 -13.21 -5.88 17.06
C LYS D 14 -12.08 -5.43 16.16
N ILE D 15 -10.89 -5.32 16.73
CA ILE D 15 -9.67 -5.09 15.97
C ILE D 15 -9.13 -6.45 15.54
N LEU D 16 -8.94 -6.64 14.24
CA LEU D 16 -8.60 -7.95 13.71
C LEU D 16 -7.13 -8.10 13.35
N ASP D 17 -6.45 -7.01 13.02
CA ASP D 17 -5.06 -7.09 12.60
C ASP D 17 -4.43 -5.71 12.70
N MET D 18 -3.12 -5.67 12.46
CA MET D 18 -2.37 -4.43 12.50
C MET D 18 -1.23 -4.51 11.50
N LYS D 19 -0.92 -3.38 10.88
CA LYS D 19 0.14 -3.31 9.88
C LYS D 19 0.87 -1.98 10.02
N THR D 20 2.21 -2.05 9.98
CA THR D 20 3.06 -0.87 10.02
C THR D 20 3.99 -0.92 8.80
N GLU D 21 3.60 -0.23 7.74
CA GLU D 21 4.40 -0.17 6.52
C GLU D 21 3.95 1.03 5.70
N GLY D 22 4.78 1.41 4.74
CA GLY D 22 4.44 2.52 3.86
C GLY D 22 4.25 3.83 4.58
N GLY D 23 4.90 4.03 5.71
CA GLY D 23 4.77 5.27 6.44
C GLY D 23 3.44 5.46 7.14
N LYS D 24 2.73 4.38 7.44
CA LYS D 24 1.43 4.49 8.07
C LYS D 24 1.21 3.34 9.03
N VAL D 25 0.47 3.63 10.10
CA VAL D 25 0.03 2.62 11.06
C VAL D 25 -1.46 2.35 10.80
N LEU D 26 -1.77 1.10 10.47
CA LEU D 26 -3.11 0.71 10.06
C LEU D 26 -3.62 -0.43 10.93
N TYR D 27 -4.94 -0.46 11.11
CA TYR D 27 -5.62 -1.53 11.83
C TYR D 27 -6.75 -2.08 10.96
N LYS D 28 -6.85 -3.40 10.89
CA LYS D 28 -8.01 -4.03 10.26
C LYS D 28 -9.13 -4.12 11.29
N VAL D 29 -10.25 -3.47 10.99
CA VAL D 29 -11.35 -3.30 11.94
C VAL D 29 -12.56 -4.09 11.47
N ARG D 30 -13.25 -4.71 12.42
CA ARG D 30 -14.55 -5.32 12.19
C ARG D 30 -15.62 -4.35 12.68
N TRP D 31 -16.51 -3.95 11.78
CA TRP D 31 -17.50 -2.93 12.08
C TRP D 31 -18.73 -3.53 12.74
N LYS D 32 -19.22 -2.85 13.78
CA LYS D 32 -20.45 -3.27 14.44
C LYS D 32 -21.63 -3.06 13.51
N GLY D 33 -22.45 -4.09 13.37
CA GLY D 33 -23.57 -4.04 12.46
C GLY D 33 -23.26 -4.43 11.03
N TYR D 34 -22.06 -4.93 10.76
CA TYR D 34 -21.65 -5.33 9.43
C TYR D 34 -21.00 -6.70 9.48
N THR D 35 -20.73 -7.26 8.29
CA THR D 35 -20.19 -8.60 8.17
C THR D 35 -18.68 -8.53 7.94
N SER D 36 -18.07 -9.71 7.83
CA SER D 36 -16.64 -9.79 7.55
C SER D 36 -16.28 -9.26 6.17
N ASP D 37 -17.25 -9.26 5.23
CA ASP D 37 -17.00 -8.70 3.91
C ASP D 37 -16.86 -7.18 3.94
N ASP D 38 -17.15 -6.54 5.06
CA ASP D 38 -17.05 -5.10 5.20
C ASP D 38 -15.82 -4.66 6.00
N ASP D 39 -14.91 -5.59 6.31
CA ASP D 39 -13.70 -5.25 7.04
C ASP D 39 -12.84 -4.30 6.21
N THR D 40 -12.30 -3.27 6.87
CA THR D 40 -11.47 -2.27 6.22
C THR D 40 -10.24 -1.99 7.09
N TRP D 41 -9.24 -1.39 6.47
CA TRP D 41 -8.03 -0.95 7.17
C TRP D 41 -8.12 0.56 7.40
N GLU D 42 -7.89 0.99 8.63
CA GLU D 42 -8.03 2.39 8.99
C GLU D 42 -6.78 2.87 9.73
N PRO D 43 -6.41 4.14 9.56
CA PRO D 43 -5.23 4.65 10.24
C PRO D 43 -5.45 4.81 11.74
N GLU D 44 -4.33 4.82 12.48
CA GLU D 44 -4.40 4.97 13.92
C GLU D 44 -4.94 6.33 14.32
N ILE D 45 -4.60 7.39 13.57
CA ILE D 45 -5.05 8.74 13.90
C ILE D 45 -6.57 8.79 14.00
N HIS D 46 -7.26 8.08 13.11
CA HIS D 46 -8.72 8.12 13.07
C HIS D 46 -9.36 7.22 14.12
N LEU D 47 -8.57 6.46 14.87
CA LEU D 47 -9.07 5.55 15.90
C LEU D 47 -8.60 5.95 17.29
N GLU D 48 -8.08 7.16 17.46
CA GLU D 48 -7.52 7.56 18.74
C GLU D 48 -8.57 7.76 19.83
N ASP D 49 -9.85 7.53 19.55
CA ASP D 49 -10.86 7.54 20.59
C ASP D 49 -11.01 6.18 21.25
N CYS D 50 -10.22 5.20 20.85
CA CYS D 50 -10.16 3.88 21.45
C CYS D 50 -8.71 3.48 21.70
N LYS D 51 -7.95 4.40 22.31
CA LYS D 51 -6.52 4.21 22.47
C LYS D 51 -6.21 2.96 23.29
N GLU D 52 -7.04 2.64 24.28
CA GLU D 52 -6.77 1.48 25.11
C GLU D 52 -6.94 0.19 24.33
N VAL D 53 -7.98 0.10 23.51
CA VAL D 53 -8.15 -1.07 22.65
C VAL D 53 -6.96 -1.22 21.71
N LEU D 54 -6.49 -0.10 21.15
CA LEU D 54 -5.34 -0.15 20.25
C LEU D 54 -4.06 -0.50 21.00
N LEU D 55 -3.84 0.14 22.16
CA LEU D 55 -2.61 -0.10 22.90
C LEU D 55 -2.50 -1.56 23.36
N GLU D 56 -3.62 -2.16 23.76
CA GLU D 56 -3.60 -3.56 24.15
C GLU D 56 -3.34 -4.45 22.94
N PHE D 57 -3.92 -4.10 21.79
CA PHE D 57 -3.69 -4.91 20.59
C PHE D 57 -2.26 -4.78 20.11
N ARG D 58 -1.66 -3.59 20.26
CA ARG D 58 -0.28 -3.39 19.86
C ARG D 58 0.66 -4.29 20.65
N LYS D 59 0.47 -4.37 21.97
CA LYS D 59 1.36 -5.17 22.80
C LYS D 59 1.14 -6.66 22.54
N LYS D 60 -0.11 -7.08 22.32
CA LYS D 60 -0.40 -8.49 22.13
C LYS D 60 0.13 -8.99 20.79
N ILE D 61 -0.06 -8.21 19.72
CA ILE D 61 0.46 -8.62 18.43
C ILE D 61 1.99 -8.53 18.39
N ALA D 62 2.58 -7.76 19.30
CA ALA D 62 4.03 -7.69 19.37
C ALA D 62 4.60 -8.94 20.04
N GLU D 63 3.92 -9.44 21.08
CA GLU D 63 4.35 -10.69 21.71
C GLU D 63 4.10 -11.88 20.81
N ASN D 64 3.06 -11.84 19.97
CA ASN D 64 2.83 -12.91 19.01
C ASN D 64 3.92 -12.92 17.95
N LYS D 65 4.35 -11.74 17.50
CA LYS D 65 5.47 -11.67 16.56
C LYS D 65 6.75 -12.18 17.19
N ALA D 66 6.85 -12.11 18.52
CA ALA D 66 8.02 -12.62 19.21
C ALA D 66 8.00 -14.14 19.24
#